data_2WMN
#
_entry.id   2WMN
#
_cell.length_a   93.050
_cell.length_b   88.472
_cell.length_c   90.120
_cell.angle_alpha   90.00
_cell.angle_beta   90.00
_cell.angle_gamma   90.00
#
_symmetry.space_group_name_H-M   'P 21 21 2'
#
loop_
_entity.id
_entity.type
_entity.pdbx_description
1 polymer 'DEDICATOR OF CYTOKINESIS PROTEIN 9'
2 polymer 'CELL DIVISION CONTROL PROTEIN 42 HOMOLOG'
3 non-polymer "GUANOSINE-5'-DIPHOSPHATE"
4 water water
#
loop_
_entity_poly.entity_id
_entity_poly.type
_entity_poly.pdbx_seq_one_letter_code
_entity_poly.pdbx_strand_id
1 'polypeptide(L)'
;KSYASTPELRKTWLDSMARIHVKNGDLSEAAMCYVHVTALVAEYLTRKGVFRQGCTAFRVITPNIDEEASMMEDVGMQDV
HFNEDVLMELLEQCADGLWKAERYELIADIYKLIIPIYEKRRDFERLAHLYDTLHRAYSKVTEVMHSGRRLLGTYFRVAF
FGQGFFEDEDGKEYIYKEPKLTPLSEISQRLLKLYSDKFGSENVKMIQDSGKVNPKDLDSKYAYIQVTHVIPFFDEKELQ
ERKTEFERSHNIRRFMFEMPFTQTGKRQGGVEEQCKRRTILTAIHCFPYVKKRIPVMYQHHTDLNPIEVAIDEMSKKVAE
LRQLCSSAEVDMIKLQLKLQGSVSVQVNAGPLAYARAFLDDTNTKRYPDNKVKLLKEVFRQFVEACGQALAVNERLIKED
QLEYQEEMKANYREMAKELSEIMHEQLG
;
A
2 'polypeptide(L)'
;SHMQTIKCVVVGDGAVGKTCLLISYTTNKFPSEYVPTVFDNYAVTVMIGGEPYTLGLFDTAGQEDYDRLRPLSYPQTDVF
LVCFSVVSPSSFENVKEKWVPEITHHCPKTPFLLVGTQIDLRDDPSTIEKLAKNKQKPITPETAEKLARDLKAVKYVECS
ALTQKGLKNVFDEAILAALEPPEPKKSRRC
;
B
#
# COMPACT_ATOMS: atom_id res chain seq x y z
N SER A 5 -13.71 39.20 17.19
CA SER A 5 -14.39 37.99 17.69
C SER A 5 -13.53 36.74 17.48
N THR A 6 -13.51 35.84 18.46
CA THR A 6 -12.83 34.55 18.27
C THR A 6 -13.43 33.74 17.09
N PRO A 7 -14.77 33.68 16.98
CA PRO A 7 -15.29 33.01 15.77
C PRO A 7 -14.74 33.63 14.47
N GLU A 8 -14.49 34.94 14.47
CA GLU A 8 -13.93 35.60 13.29
C GLU A 8 -12.44 35.29 13.12
N LEU A 9 -11.75 35.07 14.22
CA LEU A 9 -10.32 34.71 14.17
C LEU A 9 -10.19 33.30 13.65
N ARG A 10 -10.82 32.38 14.38
CA ARG A 10 -10.88 30.97 13.99
C ARG A 10 -11.19 30.87 12.50
N LYS A 11 -12.22 31.60 12.05
CA LYS A 11 -12.59 31.64 10.65
C LYS A 11 -11.37 32.01 9.79
N THR A 12 -10.81 33.19 10.08
CA THR A 12 -9.64 33.66 9.37
C THR A 12 -8.58 32.57 9.31
N TRP A 13 -8.29 31.97 10.46
CA TRP A 13 -7.29 30.90 10.46
C TRP A 13 -7.71 29.75 9.53
N LEU A 14 -8.97 29.32 9.62
CA LEU A 14 -9.39 28.18 8.83
C LEU A 14 -9.38 28.53 7.36
N ASP A 15 -9.78 29.75 7.01
CA ASP A 15 -9.83 30.12 5.61
C ASP A 15 -8.48 30.22 4.94
N SER A 16 -7.45 30.60 5.69
CA SER A 16 -6.09 30.64 5.12
C SER A 16 -5.47 29.25 5.09
N MET A 17 -5.66 28.51 6.19
CA MET A 17 -5.31 27.08 6.15
C MET A 17 -5.90 26.45 4.87
N ALA A 18 -7.16 26.77 4.54
CA ALA A 18 -7.78 26.24 3.34
C ALA A 18 -7.08 26.63 2.05
N ARG A 19 -6.71 27.90 1.91
CA ARG A 19 -6.04 28.30 0.66
C ARG A 19 -4.68 27.60 0.56
N ILE A 20 -3.96 27.50 1.67
CA ILE A 20 -2.74 26.69 1.70
C ILE A 20 -3.03 25.23 1.24
N HIS A 21 -3.98 24.55 1.88
CA HIS A 21 -4.33 23.17 1.44
C HIS A 21 -4.71 23.10 -0.02
N VAL A 22 -5.47 24.11 -0.46
CA VAL A 22 -5.85 24.09 -1.86
C VAL A 22 -4.60 24.15 -2.72
N LYS A 23 -3.71 25.10 -2.38
CA LYS A 23 -2.44 25.25 -3.10
C LYS A 23 -1.69 23.93 -3.11
N ASN A 24 -1.56 23.31 -1.95
CA ASN A 24 -0.86 22.01 -1.89
C ASN A 24 -1.61 20.84 -2.53
N GLY A 25 -2.87 21.07 -2.90
CA GLY A 25 -3.64 20.01 -3.52
C GLY A 25 -4.23 18.99 -2.56
N ASP A 26 -4.29 19.37 -1.28
CA ASP A 26 -4.82 18.51 -0.22
C ASP A 26 -6.29 18.82 0.02
N LEU A 27 -7.11 18.35 -0.90
CA LEU A 27 -8.48 18.88 -1.00
C LEU A 27 -9.37 18.51 0.18
N SER A 28 -9.17 17.32 0.77
CA SER A 28 -10.06 16.88 1.85
C SER A 28 -9.86 17.71 3.09
N GLU A 29 -8.60 18.12 3.32
CA GLU A 29 -8.20 19.00 4.42
C GLU A 29 -8.73 20.42 4.16
N ALA A 30 -8.76 20.83 2.90
CA ALA A 30 -9.42 22.09 2.57
C ALA A 30 -10.93 22.01 2.89
N ALA A 31 -11.55 20.90 2.49
CA ALA A 31 -12.97 20.66 2.68
C ALA A 31 -13.30 20.69 4.16
N MET A 32 -12.47 20.04 4.95
CA MET A 32 -12.70 20.03 6.38
C MET A 32 -12.63 21.44 6.91
N CYS A 33 -11.69 22.27 6.39
CA CYS A 33 -11.66 23.67 6.79
C CYS A 33 -12.98 24.37 6.47
N TYR A 34 -13.49 24.19 5.25
CA TYR A 34 -14.81 24.77 4.94
C TYR A 34 -15.91 24.35 5.93
N VAL A 35 -15.94 23.05 6.28
CA VAL A 35 -16.96 22.51 7.17
C VAL A 35 -16.87 23.10 8.57
N HIS A 36 -15.65 23.23 9.06
CA HIS A 36 -15.41 23.79 10.38
C HIS A 36 -15.82 25.26 10.44
N VAL A 37 -15.50 25.98 9.37
CA VAL A 37 -15.92 27.38 9.28
C VAL A 37 -17.46 27.43 9.23
N THR A 38 -18.03 26.61 8.35
CA THR A 38 -19.47 26.56 8.21
C THR A 38 -20.16 26.17 9.52
N ALA A 39 -19.58 25.21 10.24
CA ALA A 39 -20.21 24.74 11.48
C ALA A 39 -20.16 25.83 12.53
N LEU A 40 -19.16 26.69 12.42
CA LEU A 40 -18.97 27.78 13.37
C LEU A 40 -20.05 28.83 13.16
N VAL A 41 -20.21 29.23 11.91
CA VAL A 41 -21.23 30.20 11.56
C VAL A 41 -22.64 29.68 11.93
N ALA A 42 -22.87 28.38 11.73
CA ALA A 42 -24.17 27.78 11.94
C ALA A 42 -24.54 27.78 13.42
N GLU A 43 -23.54 27.49 14.25
CA GLU A 43 -23.72 27.39 15.69
C GLU A 43 -24.11 28.76 16.23
N TYR A 44 -23.35 29.76 15.80
CA TYR A 44 -23.58 31.11 16.21
C TYR A 44 -24.97 31.55 15.78
N LEU A 45 -25.27 31.44 14.49
CA LEU A 45 -26.60 31.76 13.97
C LEU A 45 -27.75 30.98 14.61
N THR A 46 -27.45 29.77 15.10
CA THR A 46 -28.46 28.97 15.77
C THR A 46 -28.80 29.58 17.14
N ARG A 47 -27.77 29.96 17.89
CA ARG A 47 -27.94 30.70 19.14
C ARG A 47 -28.78 31.99 18.96
N LYS A 48 -28.60 32.68 17.85
CA LYS A 48 -29.36 33.90 17.59
C LYS A 48 -30.76 33.64 17.08
N GLY A 49 -31.11 32.37 16.85
CA GLY A 49 -32.44 32.05 16.35
C GLY A 49 -32.65 32.33 14.87
N VAL A 50 -31.55 32.48 14.13
CA VAL A 50 -31.62 32.66 12.68
C VAL A 50 -31.55 31.33 11.91
N PHE A 51 -30.80 30.37 12.44
CA PHE A 51 -30.65 29.06 11.85
C PHE A 51 -31.23 28.08 12.84
N ARG A 52 -31.56 26.88 12.39
CA ARG A 52 -32.09 25.89 13.33
C ARG A 52 -31.13 24.78 13.87
N GLN A 53 -29.92 24.61 13.31
CA GLN A 53 -29.00 23.52 13.77
C GLN A 53 -27.69 23.93 14.51
N GLY A 54 -26.65 24.18 13.74
CA GLY A 54 -25.33 24.40 14.32
C GLY A 54 -24.53 23.11 14.34
N CYS A 55 -23.33 23.21 14.95
CA CYS A 55 -22.33 22.12 15.12
C CYS A 55 -22.67 20.65 14.85
N THR A 56 -23.86 20.20 15.25
CA THR A 56 -24.14 18.76 15.34
C THR A 56 -24.72 18.10 14.08
N ALA A 57 -25.29 18.89 13.18
CA ALA A 57 -25.64 18.28 11.90
C ALA A 57 -24.35 18.12 11.08
N PHE A 58 -23.29 18.79 11.53
CA PHE A 58 -21.96 18.68 10.95
C PHE A 58 -21.13 17.64 11.66
N ARG A 59 -21.63 17.13 12.77
CA ARG A 59 -20.88 16.12 13.51
C ARG A 59 -20.86 14.81 12.75
N VAL A 60 -21.81 14.65 11.83
CA VAL A 60 -21.87 13.44 11.05
C VAL A 60 -20.78 13.49 10.00
N ILE A 61 -20.58 14.67 9.42
CA ILE A 61 -19.51 14.84 8.47
C ILE A 61 -18.13 14.67 9.14
N THR A 62 -17.96 15.23 10.34
CA THR A 62 -16.75 15.05 11.09
C THR A 62 -16.92 15.28 12.59
N PRO A 63 -16.55 14.27 13.39
CA PRO A 63 -16.53 14.31 14.85
C PRO A 63 -15.62 15.41 15.39
N ASN A 64 -14.66 15.85 14.58
CA ASN A 64 -13.70 16.85 15.01
C ASN A 64 -14.37 18.19 15.23
N ILE A 65 -15.65 18.28 14.84
CA ILE A 65 -16.36 19.54 14.90
C ILE A 65 -16.46 19.97 16.36
N ASP A 66 -16.53 18.97 17.24
CA ASP A 66 -16.61 19.17 18.68
C ASP A 66 -15.54 20.14 19.21
N GLU A 67 -14.51 20.38 18.40
CA GLU A 67 -13.39 21.23 18.77
C GLU A 67 -13.78 22.70 18.77
N GLU A 68 -14.78 23.04 17.96
CA GLU A 68 -15.29 24.40 17.85
C GLU A 68 -16.43 24.67 18.85
N ALA A 69 -16.13 24.54 20.15
CA ALA A 69 -17.13 24.75 21.21
C ALA A 69 -17.25 26.21 21.63
N HIS A 81 -21.89 40.81 10.43
CA HIS A 81 -20.79 39.86 10.23
C HIS A 81 -21.30 38.51 9.67
N PHE A 82 -21.92 37.71 10.54
CA PHE A 82 -22.49 36.43 10.12
C PHE A 82 -24.01 36.54 9.93
N ASN A 83 -24.50 36.14 8.75
CA ASN A 83 -25.93 36.08 8.51
C ASN A 83 -26.32 34.94 7.59
N GLU A 84 -27.63 34.72 7.47
CA GLU A 84 -28.16 33.62 6.68
C GLU A 84 -27.45 33.50 5.36
N ASP A 85 -27.22 34.63 4.72
CA ASP A 85 -26.71 34.67 3.36
C ASP A 85 -25.27 34.23 3.24
N VAL A 86 -24.50 34.60 4.26
CA VAL A 86 -23.16 34.11 4.44
C VAL A 86 -23.20 32.60 4.64
N LEU A 87 -24.03 32.13 5.58
CA LEU A 87 -24.16 30.69 5.82
C LEU A 87 -24.45 29.94 4.55
N MET A 88 -25.30 30.52 3.72
CA MET A 88 -25.72 29.86 2.49
C MET A 88 -24.55 29.71 1.54
N GLU A 89 -23.76 30.77 1.46
CA GLU A 89 -22.58 30.80 0.61
C GLU A 89 -21.47 29.84 1.12
N LEU A 90 -21.30 29.76 2.44
CA LEU A 90 -20.37 28.78 3.02
C LEU A 90 -20.85 27.34 2.75
N LEU A 91 -22.15 27.09 2.88
CA LEU A 91 -22.66 25.73 2.67
C LEU A 91 -22.37 25.28 1.25
N GLU A 92 -22.60 26.16 0.27
CA GLU A 92 -22.34 25.84 -1.12
C GLU A 92 -20.84 25.62 -1.30
N GLN A 93 -20.06 26.37 -0.53
CA GLN A 93 -18.61 26.20 -0.50
C GLN A 93 -18.22 24.80 0.03
N CYS A 94 -18.79 24.38 1.16
CA CYS A 94 -18.52 23.02 1.64
C CYS A 94 -18.89 21.99 0.60
N ALA A 95 -20.05 22.16 -0.05
CA ALA A 95 -20.52 21.14 -0.98
C ALA A 95 -19.50 20.99 -2.09
N ASP A 96 -19.08 22.12 -2.64
CA ASP A 96 -18.10 22.10 -3.73
C ASP A 96 -16.72 21.64 -3.22
N GLY A 97 -16.37 22.03 -2.02
CA GLY A 97 -15.20 21.46 -1.38
C GLY A 97 -15.24 19.95 -1.41
N LEU A 98 -16.32 19.37 -0.87
CA LEU A 98 -16.40 17.91 -0.80
C LEU A 98 -16.38 17.23 -2.17
N TRP A 99 -16.96 17.89 -3.16
CA TRP A 99 -16.91 17.33 -4.49
C TRP A 99 -15.45 17.20 -4.92
N LYS A 100 -14.66 18.25 -4.72
CA LYS A 100 -13.26 18.25 -5.12
C LYS A 100 -12.40 17.23 -4.36
N ALA A 101 -12.68 17.04 -3.06
CA ALA A 101 -12.05 15.99 -2.28
C ALA A 101 -12.50 14.61 -2.72
N GLU A 102 -13.50 14.54 -3.59
CA GLU A 102 -14.02 13.24 -3.96
C GLU A 102 -14.67 12.55 -2.77
N ARG A 103 -15.17 13.31 -1.82
CA ARG A 103 -15.91 12.66 -0.75
C ARG A 103 -17.42 12.81 -1.01
N TYR A 104 -17.87 12.22 -2.11
CA TYR A 104 -19.24 12.41 -2.62
C TYR A 104 -20.31 12.10 -1.60
N GLU A 105 -20.18 10.96 -0.95
CA GLU A 105 -21.12 10.51 0.05
C GLU A 105 -21.53 11.55 1.09
N LEU A 106 -20.81 12.66 1.17
CA LEU A 106 -20.95 13.56 2.30
C LEU A 106 -21.67 14.80 1.88
N ILE A 107 -21.78 15.00 0.57
CA ILE A 107 -22.40 16.22 0.07
C ILE A 107 -23.85 16.43 0.49
N ALA A 108 -24.60 15.32 0.58
CA ALA A 108 -26.02 15.42 0.93
C ALA A 108 -26.19 15.97 2.35
N ASP A 109 -25.24 15.67 3.22
CA ASP A 109 -25.28 16.16 4.61
C ASP A 109 -25.27 17.68 4.69
N ILE A 110 -24.57 18.30 3.75
CA ILE A 110 -24.51 19.75 3.65
C ILE A 110 -25.78 20.30 2.99
N TYR A 111 -26.15 19.73 1.86
CA TYR A 111 -27.26 20.28 1.11
C TYR A 111 -28.58 20.17 1.84
N LYS A 112 -28.72 19.13 2.66
CA LYS A 112 -29.94 18.96 3.43
C LYS A 112 -30.14 20.20 4.24
N LEU A 113 -29.04 20.87 4.63
CA LEU A 113 -29.16 22.06 5.49
C LEU A 113 -29.63 23.29 4.72
N ILE A 114 -29.39 23.32 3.42
CA ILE A 114 -29.71 24.52 2.65
C ILE A 114 -30.96 24.36 1.78
N ILE A 115 -31.43 23.12 1.60
CA ILE A 115 -32.61 22.83 0.83
C ILE A 115 -33.84 23.59 1.36
N PRO A 116 -34.13 23.50 2.66
CA PRO A 116 -35.31 24.22 3.16
C PRO A 116 -35.23 25.73 2.99
N ILE A 117 -34.03 26.29 3.03
CA ILE A 117 -33.85 27.71 2.81
C ILE A 117 -34.15 28.06 1.37
N TYR A 118 -33.59 27.31 0.44
CA TYR A 118 -33.93 27.54 -0.95
C TYR A 118 -35.44 27.38 -1.19
N GLU A 119 -36.05 26.35 -0.60
CA GLU A 119 -37.50 26.15 -0.81
C GLU A 119 -38.29 27.33 -0.33
N LYS A 120 -38.00 27.80 0.87
CA LYS A 120 -38.68 28.96 1.41
C LYS A 120 -38.49 30.18 0.48
N ARG A 121 -37.31 30.30 -0.13
CA ARG A 121 -37.09 31.45 -0.99
C ARG A 121 -37.60 31.21 -2.40
N ARG A 122 -38.18 30.05 -2.61
CA ARG A 122 -38.62 29.62 -3.95
C ARG A 122 -37.49 29.74 -4.98
N ASP A 123 -36.29 29.39 -4.58
CA ASP A 123 -35.18 29.47 -5.51
C ASP A 123 -35.02 28.17 -6.29
N PHE A 124 -35.82 28.01 -7.33
CA PHE A 124 -35.85 26.74 -8.06
C PHE A 124 -34.58 26.46 -8.86
N GLU A 125 -33.92 27.52 -9.34
CA GLU A 125 -32.67 27.38 -10.10
C GLU A 125 -31.57 26.77 -9.22
N ARG A 126 -31.43 27.31 -8.01
CA ARG A 126 -30.50 26.78 -7.00
C ARG A 126 -30.81 25.34 -6.67
N LEU A 127 -32.10 25.03 -6.51
CA LEU A 127 -32.50 23.67 -6.13
C LEU A 127 -32.13 22.73 -7.25
N ALA A 128 -32.34 23.17 -8.49
CA ALA A 128 -32.01 22.37 -9.66
C ALA A 128 -30.53 22.01 -9.64
N HIS A 129 -29.71 23.01 -9.37
CA HIS A 129 -28.27 22.87 -9.35
C HIS A 129 -27.82 21.91 -8.26
N LEU A 130 -28.29 22.15 -7.03
CA LEU A 130 -27.89 21.27 -5.96
C LEU A 130 -28.26 19.82 -6.25
N TYR A 131 -29.47 19.58 -6.75
CA TYR A 131 -29.89 18.20 -7.06
C TYR A 131 -29.17 17.63 -8.27
N ASP A 132 -28.74 18.50 -9.19
CA ASP A 132 -27.83 18.06 -10.24
C ASP A 132 -26.51 17.53 -9.63
N THR A 133 -25.93 18.31 -8.72
CA THR A 133 -24.73 17.86 -8.04
C THR A 133 -24.93 16.55 -7.30
N LEU A 134 -26.03 16.40 -6.57
CA LEU A 134 -26.30 15.15 -5.84
C LEU A 134 -26.46 13.96 -6.77
N HIS A 135 -27.04 14.22 -7.94
CA HIS A 135 -27.22 13.12 -8.86
C HIS A 135 -25.84 12.67 -9.39
N ARG A 136 -25.07 13.62 -9.86
CA ARG A 136 -23.72 13.32 -10.27
C ARG A 136 -22.97 12.64 -9.13
N ALA A 137 -23.01 13.23 -7.93
CA ALA A 137 -22.27 12.65 -6.81
C ALA A 137 -22.59 11.19 -6.62
N TYR A 138 -23.88 10.85 -6.56
CA TYR A 138 -24.26 9.45 -6.30
C TYR A 138 -23.97 8.58 -7.51
N SER A 139 -23.85 9.23 -8.65
CA SER A 139 -23.43 8.57 -9.86
C SER A 139 -21.93 8.21 -9.78
N LYS A 140 -21.09 9.17 -9.40
CA LYS A 140 -19.68 8.92 -9.14
C LYS A 140 -19.48 7.78 -8.15
N VAL A 141 -20.25 7.82 -7.06
CA VAL A 141 -20.15 6.80 -6.02
C VAL A 141 -20.24 5.37 -6.54
N THR A 142 -21.27 5.04 -7.33
CA THR A 142 -21.31 3.69 -7.89
C THR A 142 -20.14 3.44 -8.84
N GLU A 143 -19.76 4.44 -9.62
CA GLU A 143 -18.63 4.28 -10.51
C GLU A 143 -17.43 3.78 -9.71
N VAL A 144 -16.90 4.65 -8.85
CA VAL A 144 -15.67 4.40 -8.12
C VAL A 144 -15.76 3.23 -7.15
N MET A 145 -16.97 2.87 -6.71
CA MET A 145 -17.13 1.68 -5.87
C MET A 145 -16.79 0.47 -6.72
N HIS A 146 -16.93 0.63 -8.03
CA HIS A 146 -16.68 -0.46 -8.96
C HIS A 146 -15.31 -0.35 -9.66
N SER A 147 -14.94 0.86 -10.06
CA SER A 147 -13.70 1.07 -10.80
C SER A 147 -12.48 1.25 -9.90
N GLY A 148 -12.70 1.37 -8.59
CA GLY A 148 -11.66 1.62 -7.63
C GLY A 148 -10.69 2.73 -8.01
N ARG A 149 -11.20 3.78 -8.61
CA ARG A 149 -10.30 4.86 -9.03
C ARG A 149 -10.33 6.03 -8.06
N ARG A 150 -11.15 5.94 -7.02
CA ARG A 150 -11.04 6.95 -5.98
C ARG A 150 -9.92 6.59 -5.00
N LEU A 151 -8.90 7.45 -4.92
CA LEU A 151 -7.76 7.21 -4.04
C LEU A 151 -7.66 8.27 -2.94
N LEU A 152 -8.22 7.94 -1.78
CA LEU A 152 -8.41 8.92 -0.71
C LEU A 152 -7.17 9.18 0.18
N GLY A 153 -6.20 8.26 0.15
CA GLY A 153 -4.91 8.56 0.75
C GLY A 153 -4.23 7.40 1.43
N THR A 154 -2.93 7.57 1.68
CA THR A 154 -2.18 6.60 2.47
C THR A 154 -1.66 7.25 3.75
N TYR A 155 -1.54 6.45 4.82
CA TYR A 155 -1.25 6.91 6.16
C TYR A 155 0.07 6.36 6.69
N PHE A 156 0.75 7.20 7.49
CA PHE A 156 2.09 6.89 7.95
C PHE A 156 2.31 7.38 9.36
N ARG A 157 2.92 6.55 10.20
CA ARG A 157 3.45 6.96 11.50
C ARG A 157 4.82 7.61 11.27
N VAL A 158 4.96 8.85 11.69
CA VAL A 158 6.20 9.60 11.55
C VAL A 158 6.61 10.04 12.94
N ALA A 159 7.85 9.78 13.31
CA ALA A 159 8.37 10.24 14.60
C ALA A 159 9.74 10.94 14.49
N PHE A 160 9.89 12.00 15.25
CA PHE A 160 11.10 12.80 15.20
C PHE A 160 11.93 12.62 16.45
N PHE A 161 13.22 12.42 16.26
CA PHE A 161 14.15 12.32 17.39
C PHE A 161 15.37 13.22 17.20
N GLY A 162 15.76 13.91 18.27
CA GLY A 162 16.91 14.83 18.28
C GLY A 162 16.58 16.21 18.80
N GLN A 163 16.61 16.39 20.13
CA GLN A 163 16.38 17.72 20.72
C GLN A 163 17.20 18.78 20.00
N GLY A 164 18.39 18.39 19.56
CA GLY A 164 19.31 19.34 18.95
C GLY A 164 18.78 20.05 17.73
N PHE A 165 18.00 19.34 16.93
CA PHE A 165 17.48 19.95 15.71
C PHE A 165 15.95 20.10 15.66
N PHE A 166 15.22 19.27 16.43
CA PHE A 166 13.75 19.27 16.39
C PHE A 166 13.14 19.98 17.59
N GLU A 167 13.90 19.97 18.69
CA GLU A 167 13.52 20.67 19.91
C GLU A 167 12.23 20.11 20.49
N ASP A 168 11.24 20.98 20.57
CA ASP A 168 9.92 20.65 21.04
C ASP A 168 9.32 19.48 20.22
N GLU A 169 9.83 19.30 19.00
CA GLU A 169 9.37 18.18 18.18
C GLU A 169 10.01 16.84 18.55
N ASP A 170 11.15 16.85 19.24
CA ASP A 170 11.78 15.58 19.65
C ASP A 170 10.81 14.67 20.40
N GLY A 171 10.83 13.38 20.02
CA GLY A 171 9.99 12.38 20.67
C GLY A 171 8.56 12.32 20.14
N LYS A 172 8.10 13.37 19.47
CA LYS A 172 6.69 13.44 19.05
C LYS A 172 6.37 12.53 17.85
N GLU A 173 5.29 11.75 17.96
CA GLU A 173 4.80 10.91 16.85
C GLU A 173 3.52 11.48 16.26
N TYR A 174 3.46 11.53 14.92
CA TYR A 174 2.26 11.89 14.18
C TYR A 174 1.81 10.77 13.22
N ILE A 175 0.51 10.77 12.90
CA ILE A 175 0.00 10.14 11.69
C ILE A 175 0.04 11.20 10.59
N TYR A 176 0.69 10.88 9.48
CA TYR A 176 0.70 11.72 8.30
C TYR A 176 -0.25 11.08 7.29
N LYS A 177 -1.08 11.93 6.67
CA LYS A 177 -1.96 11.50 5.61
C LYS A 177 -1.43 12.01 4.29
N GLU A 178 -1.16 11.10 3.37
CA GLU A 178 -0.45 11.44 2.15
C GLU A 178 -1.32 11.21 0.91
N PRO A 179 -1.03 11.91 -0.17
CA PRO A 179 -1.90 11.86 -1.35
C PRO A 179 -2.02 10.46 -1.94
N LYS A 180 -3.19 10.16 -2.50
CA LYS A 180 -3.43 8.97 -3.32
C LYS A 180 -2.76 7.74 -2.77
N LEU A 181 -1.83 7.20 -3.56
CA LEU A 181 -1.15 5.97 -3.19
C LEU A 181 0.31 6.17 -2.77
N THR A 182 0.60 7.30 -2.13
CA THR A 182 1.99 7.60 -1.73
C THR A 182 2.70 6.44 -1.03
N PRO A 183 3.75 5.89 -1.68
CA PRO A 183 4.53 4.75 -1.20
C PRO A 183 5.46 5.17 -0.05
N LEU A 184 5.82 4.22 0.80
CA LEU A 184 6.78 4.42 1.88
C LEU A 184 8.02 5.11 1.33
N SER A 185 8.51 4.54 0.24
CA SER A 185 9.69 5.06 -0.41
C SER A 185 9.59 6.52 -0.74
N GLU A 186 8.40 7.00 -1.12
CA GLU A 186 8.27 8.38 -1.57
C GLU A 186 8.17 9.39 -0.43
N ILE A 187 7.37 9.09 0.59
CA ILE A 187 7.30 10.03 1.70
C ILE A 187 8.65 10.11 2.44
N SER A 188 9.31 8.96 2.60
CA SER A 188 10.65 8.92 3.14
C SER A 188 11.54 9.99 2.51
N GLN A 189 11.87 9.81 1.24
CA GLN A 189 12.69 10.78 0.52
C GLN A 189 12.24 12.18 0.84
N ARG A 190 10.94 12.43 0.67
CA ARG A 190 10.43 13.79 0.73
C ARG A 190 10.76 14.47 2.05
N LEU A 191 10.85 13.66 3.11
CA LEU A 191 11.17 14.18 4.43
C LEU A 191 12.68 14.38 4.59
N LEU A 192 13.47 13.63 3.83
CA LEU A 192 14.90 13.90 3.74
C LEU A 192 15.07 15.26 3.09
N LYS A 193 14.80 15.33 1.79
CA LYS A 193 14.88 16.59 1.04
C LYS A 193 14.32 17.80 1.80
N LEU A 194 13.37 17.55 2.70
CA LEU A 194 12.75 18.63 3.48
C LEU A 194 13.62 19.04 4.66
N TYR A 195 14.12 18.04 5.38
CA TYR A 195 14.85 18.29 6.61
C TYR A 195 16.35 18.33 6.38
N SER A 196 16.77 17.96 5.18
CA SER A 196 18.17 18.13 4.80
C SER A 196 18.37 19.57 4.33
N ASP A 197 17.38 20.09 3.61
CA ASP A 197 17.39 21.48 3.18
C ASP A 197 17.15 22.44 4.35
N LYS A 198 16.77 21.91 5.51
CA LYS A 198 16.61 22.73 6.70
C LYS A 198 17.72 22.52 7.73
N PHE A 199 18.18 21.28 7.93
CA PHE A 199 19.21 21.02 8.93
C PHE A 199 20.50 20.51 8.30
N GLY A 200 20.81 20.96 7.10
CA GLY A 200 21.97 20.46 6.39
C GLY A 200 21.87 19.00 5.98
N SER A 201 22.48 18.67 4.86
CA SER A 201 22.44 17.33 4.28
C SER A 201 22.87 16.21 5.24
N GLU A 202 24.13 16.23 5.66
CA GLU A 202 24.68 15.10 6.41
C GLU A 202 24.22 15.07 7.87
N ASN A 203 23.24 15.91 8.19
CA ASN A 203 22.77 15.98 9.56
C ASN A 203 21.48 15.19 9.79
N VAL A 204 20.81 14.83 8.70
CA VAL A 204 19.55 14.10 8.78
C VAL A 204 19.73 12.60 8.55
N LYS A 205 19.32 11.79 9.52
CA LYS A 205 19.32 10.33 9.37
C LYS A 205 17.89 9.68 9.44
N MET A 206 17.69 8.59 8.69
CA MET A 206 16.38 7.91 8.68
C MET A 206 16.41 6.56 9.39
N ILE A 207 15.54 6.39 10.39
CA ILE A 207 15.39 5.13 11.10
C ILE A 207 14.43 4.17 10.36
N GLN A 208 14.98 3.11 9.78
CA GLN A 208 14.20 2.15 9.00
C GLN A 208 13.98 0.88 9.80
N ASP A 209 13.14 1.01 10.82
CA ASP A 209 12.84 -0.05 11.75
C ASP A 209 11.62 0.45 12.50
N SER A 210 10.69 -0.44 12.79
CA SER A 210 9.36 -0.04 13.19
C SER A 210 9.23 -0.16 14.70
N GLY A 211 10.28 -0.71 15.31
CA GLY A 211 10.25 -0.96 16.73
C GLY A 211 10.19 0.31 17.56
N LYS A 212 9.52 0.26 18.70
CA LYS A 212 9.52 1.36 19.64
C LYS A 212 10.96 1.61 19.98
N VAL A 213 11.45 2.79 19.62
CA VAL A 213 12.86 3.12 19.76
C VAL A 213 13.10 4.01 20.97
N ASN A 214 14.15 3.68 21.73
CA ASN A 214 14.58 4.51 22.86
C ASN A 214 15.77 5.40 22.46
N PRO A 215 15.68 6.70 22.79
CA PRO A 215 16.75 7.64 22.45
C PRO A 215 18.03 7.21 23.14
N LYS A 216 17.87 6.30 24.11
CA LYS A 216 18.99 5.76 24.86
C LYS A 216 20.04 5.10 23.95
N ASP A 217 19.85 5.17 22.64
CA ASP A 217 20.93 4.79 21.70
C ASP A 217 20.91 5.55 20.39
N LEU A 218 20.62 6.83 20.46
CA LEU A 218 20.73 7.68 19.27
C LEU A 218 21.89 8.68 19.41
N ASP A 219 22.62 8.87 18.32
CA ASP A 219 23.67 9.86 18.25
C ASP A 219 23.06 11.25 18.34
N SER A 220 23.24 11.88 19.51
CA SER A 220 22.68 13.19 19.80
C SER A 220 23.12 14.23 18.77
N LYS A 221 24.06 13.85 17.91
CA LYS A 221 24.50 14.74 16.84
C LYS A 221 23.50 14.86 15.69
N TYR A 222 22.72 13.82 15.43
CA TYR A 222 21.86 13.84 14.25
C TYR A 222 20.37 14.05 14.52
N ALA A 223 19.68 14.54 13.51
CA ALA A 223 18.22 14.52 13.52
C ALA A 223 17.77 13.18 12.95
N TYR A 224 17.03 12.40 13.75
CA TYR A 224 16.39 11.16 13.26
C TYR A 224 14.89 11.29 12.92
N ILE A 225 14.52 10.72 11.76
CA ILE A 225 13.12 10.59 11.38
C ILE A 225 12.75 9.11 11.18
N GLN A 226 11.71 8.67 11.89
CA GLN A 226 11.21 7.32 11.71
C GLN A 226 9.87 7.32 10.96
N VAL A 227 9.78 6.61 9.84
CA VAL A 227 8.55 6.57 9.06
C VAL A 227 8.03 5.15 8.90
N THR A 228 6.84 4.87 9.43
CA THR A 228 6.19 3.57 9.30
C THR A 228 4.80 3.62 8.59
N HIS A 229 4.65 2.82 7.54
CA HIS A 229 3.34 2.72 6.88
C HIS A 229 2.32 2.10 7.82
N VAL A 230 1.13 2.69 7.86
CA VAL A 230 0.06 2.20 8.73
C VAL A 230 -1.26 2.19 7.95
N ILE A 231 -2.21 1.37 8.37
CA ILE A 231 -3.51 1.35 7.71
C ILE A 231 -4.58 1.50 8.75
N PRO A 232 -5.75 2.01 8.33
CA PRO A 232 -6.88 2.23 9.22
C PRO A 232 -7.27 0.96 9.93
N PHE A 233 -7.55 1.09 11.22
CA PHE A 233 -7.90 -0.06 12.03
C PHE A 233 -9.32 0.04 12.60
N PHE A 234 -10.00 -1.11 12.67
CA PHE A 234 -11.37 -1.16 13.16
C PHE A 234 -11.57 -2.47 13.86
N ASP A 235 -12.34 -2.44 14.94
CA ASP A 235 -12.71 -3.65 15.66
C ASP A 235 -13.95 -4.25 14.98
N GLU A 236 -14.43 -5.38 15.47
CA GLU A 236 -15.53 -6.11 14.84
C GLU A 236 -16.82 -5.29 14.76
N LYS A 237 -17.09 -4.53 15.80
CA LYS A 237 -18.25 -3.66 15.81
C LYS A 237 -18.14 -2.58 14.73
N GLU A 238 -16.94 -2.02 14.56
CA GLU A 238 -16.72 -0.95 13.60
C GLU A 238 -16.78 -1.50 12.20
N LEU A 239 -16.24 -2.68 11.99
CA LEU A 239 -16.31 -3.28 10.66
C LEU A 239 -17.76 -3.56 10.24
N GLN A 240 -18.67 -3.57 11.20
CA GLN A 240 -20.06 -3.84 10.89
C GLN A 240 -20.79 -2.53 10.70
N GLU A 241 -20.36 -1.48 11.37
CA GLU A 241 -21.00 -0.18 11.14
C GLU A 241 -20.50 0.40 9.83
N ARG A 242 -19.30 -0.01 9.42
CA ARG A 242 -18.71 0.57 8.22
C ARG A 242 -18.64 -0.47 7.13
N LYS A 243 -19.62 -0.46 6.24
CA LYS A 243 -19.76 -1.59 5.33
C LYS A 243 -19.00 -1.28 4.06
N THR A 244 -19.02 -0.02 3.67
CA THR A 244 -18.34 0.38 2.45
C THR A 244 -16.87 0.75 2.69
N GLU A 245 -16.09 0.70 1.61
CA GLU A 245 -14.71 1.14 1.65
C GLU A 245 -14.64 2.62 2.05
N PHE A 246 -15.60 3.40 1.58
CA PHE A 246 -15.61 4.81 1.92
C PHE A 246 -15.79 5.01 3.40
N GLU A 247 -16.65 4.19 4.00
CA GLU A 247 -16.85 4.35 5.43
C GLU A 247 -15.58 3.96 6.19
N ARG A 248 -14.73 3.17 5.55
CA ARG A 248 -13.50 2.72 6.15
C ARG A 248 -12.36 3.66 5.80
N SER A 249 -12.70 4.81 5.21
CA SER A 249 -11.71 5.76 4.77
C SER A 249 -12.09 7.13 5.21
N HIS A 250 -13.07 7.22 6.09
CA HIS A 250 -13.58 8.51 6.47
C HIS A 250 -13.86 8.45 7.93
N ASN A 251 -13.51 9.51 8.64
CA ASN A 251 -13.56 9.53 10.09
C ASN A 251 -12.77 8.40 10.72
N ILE A 252 -11.50 8.33 10.36
CA ILE A 252 -10.67 7.29 10.92
C ILE A 252 -9.65 7.84 11.89
N ARG A 253 -9.63 7.21 13.07
CA ARG A 253 -8.82 7.62 14.20
C ARG A 253 -7.77 6.59 14.61
N ARG A 254 -7.97 5.32 14.24
CA ARG A 254 -7.03 4.29 14.67
C ARG A 254 -6.31 3.65 13.51
N PHE A 255 -5.00 3.46 13.67
CA PHE A 255 -4.19 2.92 12.61
C PHE A 255 -3.37 1.77 13.13
N MET A 256 -2.88 0.94 12.22
CA MET A 256 -2.27 -0.31 12.60
C MET A 256 -1.07 -0.65 11.76
N PHE A 257 -0.08 -1.26 12.38
CA PHE A 257 0.95 -1.92 11.59
C PHE A 257 1.41 -3.18 12.31
N GLU A 258 1.91 -4.12 11.56
CA GLU A 258 2.42 -5.33 12.15
C GLU A 258 3.94 -5.42 12.03
N MET A 259 4.56 -5.97 13.06
CA MET A 259 6.02 -6.09 13.11
C MET A 259 6.42 -7.53 13.38
N PRO A 260 7.35 -8.05 12.59
CA PRO A 260 7.92 -9.39 12.85
C PRO A 260 8.83 -9.37 14.05
N PHE A 261 8.70 -10.33 14.96
CA PHE A 261 9.74 -10.54 15.97
C PHE A 261 9.87 -11.99 16.42
N THR A 262 11.03 -12.26 17.02
CA THR A 262 11.36 -13.54 17.62
C THR A 262 11.59 -13.36 19.12
N GLN A 263 11.16 -14.35 19.91
CA GLN A 263 11.38 -14.32 21.35
C GLN A 263 12.79 -14.85 21.70
N ARG A 267 14.49 -11.04 14.78
CA ARG A 267 13.65 -10.17 13.94
C ARG A 267 12.74 -11.03 13.05
N GLN A 268 13.28 -11.49 11.93
CA GLN A 268 12.58 -12.44 11.07
C GLN A 268 13.25 -13.82 11.09
N GLY A 269 12.52 -14.85 11.55
CA GLY A 269 13.04 -16.20 11.61
C GLY A 269 12.27 -17.24 10.82
N GLY A 270 12.36 -18.50 11.25
CA GLY A 270 11.64 -19.58 10.61
C GLY A 270 10.25 -19.70 11.19
N VAL A 271 9.38 -20.46 10.53
CA VAL A 271 7.96 -20.43 10.87
C VAL A 271 7.70 -20.87 12.30
N GLU A 272 8.41 -21.91 12.73
CA GLU A 272 8.27 -22.45 14.06
C GLU A 272 8.39 -21.38 15.12
N GLU A 273 9.14 -20.32 14.82
CA GLU A 273 9.43 -19.31 15.83
C GLU A 273 8.93 -17.90 15.49
N GLN A 274 8.27 -17.73 14.34
CA GLN A 274 7.90 -16.40 13.88
C GLN A 274 6.74 -15.78 14.67
N CYS A 275 7.04 -14.73 15.43
CA CYS A 275 5.99 -13.97 16.10
C CYS A 275 5.64 -12.68 15.34
N LYS A 276 4.59 -12.03 15.78
CA LYS A 276 4.14 -10.80 15.15
C LYS A 276 3.58 -9.86 16.22
N ARG A 277 3.95 -8.59 16.15
CA ARG A 277 3.35 -7.59 17.02
C ARG A 277 2.42 -6.65 16.24
N ARG A 278 1.18 -6.54 16.67
CA ARG A 278 0.23 -5.66 16.03
C ARG A 278 0.09 -4.40 16.88
N THR A 279 0.51 -3.26 16.36
CA THR A 279 0.39 -2.01 17.11
C THR A 279 -0.77 -1.16 16.59
N ILE A 280 -1.67 -0.80 17.49
CA ILE A 280 -2.76 0.08 17.18
C ILE A 280 -2.47 1.48 17.75
N LEU A 281 -2.46 2.46 16.85
CA LEU A 281 -2.20 3.85 17.18
C LEU A 281 -3.49 4.65 17.10
N THR A 282 -3.74 5.45 18.13
CA THR A 282 -4.90 6.30 18.15
C THR A 282 -4.48 7.76 18.09
N ALA A 283 -4.99 8.46 17.09
CA ALA A 283 -4.68 9.86 16.86
C ALA A 283 -5.61 10.69 17.72
N ILE A 284 -5.24 11.95 18.01
CA ILE A 284 -6.07 12.78 18.87
C ILE A 284 -7.32 13.30 18.17
N HIS A 285 -7.25 13.47 16.85
CA HIS A 285 -8.43 13.76 16.04
C HIS A 285 -8.54 12.73 14.90
N CYS A 286 -9.69 12.65 14.24
CA CYS A 286 -9.86 11.73 13.09
C CYS A 286 -9.42 12.37 11.79
N PHE A 287 -9.11 11.54 10.81
CA PHE A 287 -8.94 12.02 9.46
C PHE A 287 -10.30 11.85 8.74
N PRO A 288 -10.63 12.74 7.80
CA PRO A 288 -9.83 13.92 7.42
C PRO A 288 -9.97 15.02 8.46
N TYR A 289 -9.07 16.01 8.41
CA TYR A 289 -9.01 17.02 9.45
C TYR A 289 -8.56 18.32 8.81
N VAL A 290 -8.49 19.39 9.59
CA VAL A 290 -8.03 20.66 9.01
C VAL A 290 -6.49 20.69 8.79
N LYS A 291 -5.82 19.62 9.21
CA LYS A 291 -4.38 19.44 8.99
C LYS A 291 -4.13 18.04 8.45
N LYS A 292 -3.04 17.87 7.72
CA LYS A 292 -2.72 16.56 7.16
C LYS A 292 -1.79 15.72 8.02
N ARG A 293 -1.49 16.19 9.23
CA ARG A 293 -0.80 15.33 10.20
C ARG A 293 -1.42 15.56 11.55
N ILE A 294 -1.52 14.51 12.35
CA ILE A 294 -2.21 14.57 13.63
C ILE A 294 -1.43 13.80 14.69
N PRO A 295 -1.23 14.43 15.86
CA PRO A 295 -0.44 13.74 16.90
C PRO A 295 -1.05 12.41 17.30
N VAL A 296 -0.20 11.43 17.60
CA VAL A 296 -0.68 10.19 18.18
C VAL A 296 -1.06 10.48 19.62
N MET A 297 -2.25 10.08 20.01
CA MET A 297 -2.72 10.27 21.38
C MET A 297 -2.28 9.11 22.28
N TYR A 298 -2.23 7.91 21.70
CA TYR A 298 -2.18 6.70 22.50
C TYR A 298 -1.91 5.52 21.61
N GLN A 299 -1.31 4.48 22.17
CA GLN A 299 -1.05 3.28 21.41
C GLN A 299 -0.89 2.09 22.31
N HIS A 300 -1.09 0.91 21.75
CA HIS A 300 -0.92 -0.33 22.45
C HIS A 300 -0.66 -1.42 21.42
N HIS A 301 -0.37 -2.63 21.87
CA HIS A 301 -0.01 -3.69 20.94
C HIS A 301 -0.45 -5.08 21.40
N THR A 302 -0.38 -6.02 20.46
CA THR A 302 -0.83 -7.38 20.69
C THR A 302 0.16 -8.27 19.99
N ASP A 303 0.71 -9.23 20.72
CA ASP A 303 1.68 -10.17 20.17
C ASP A 303 0.99 -11.45 19.71
N LEU A 304 1.53 -12.07 18.67
CA LEU A 304 0.97 -13.28 18.11
C LEU A 304 2.03 -14.36 18.01
N ASN A 305 1.67 -15.58 18.42
CA ASN A 305 2.52 -16.76 18.34
C ASN A 305 2.76 -17.12 16.89
N PRO A 306 3.75 -17.99 16.66
CA PRO A 306 4.02 -18.46 15.30
C PRO A 306 2.84 -19.22 14.69
N ILE A 307 2.03 -19.87 15.53
CA ILE A 307 0.96 -20.66 14.97
C ILE A 307 -0.24 -19.76 14.71
N GLU A 308 -0.46 -18.84 15.63
CA GLU A 308 -1.45 -17.80 15.42
C GLU A 308 -1.11 -17.09 14.13
N VAL A 309 0.18 -16.82 13.96
CA VAL A 309 0.68 -16.18 12.75
C VAL A 309 0.31 -17.02 11.55
N ALA A 310 0.70 -18.29 11.59
CA ALA A 310 0.36 -19.23 10.53
C ALA A 310 -1.14 -19.16 10.23
N ILE A 311 -1.94 -19.44 11.24
CA ILE A 311 -3.40 -19.44 11.09
C ILE A 311 -3.88 -18.18 10.38
N ASP A 312 -3.50 -17.04 10.92
CA ASP A 312 -3.84 -15.74 10.39
C ASP A 312 -3.40 -15.58 8.94
N GLU A 313 -2.15 -15.96 8.65
CA GLU A 313 -1.60 -15.82 7.31
C GLU A 313 -2.37 -16.68 6.33
N MET A 314 -2.66 -17.90 6.75
CA MET A 314 -3.41 -18.85 5.92
C MET A 314 -4.79 -18.29 5.63
N SER A 315 -5.47 -17.82 6.67
CA SER A 315 -6.82 -17.26 6.51
C SER A 315 -6.87 -16.20 5.42
N LYS A 316 -5.93 -15.26 5.47
CA LYS A 316 -5.94 -14.15 4.55
C LYS A 316 -5.85 -14.63 3.10
N LYS A 317 -5.15 -15.75 2.88
CA LYS A 317 -4.93 -16.25 1.52
C LYS A 317 -6.17 -16.92 0.91
N VAL A 318 -6.88 -17.70 1.72
CA VAL A 318 -8.06 -18.40 1.23
C VAL A 318 -9.16 -17.41 0.88
N ALA A 319 -9.39 -16.44 1.77
CA ALA A 319 -10.33 -15.36 1.49
C ALA A 319 -9.88 -14.58 0.27
N GLU A 320 -8.57 -14.39 0.15
CA GLU A 320 -8.00 -13.70 -1.01
C GLU A 320 -8.42 -14.42 -2.28
N LEU A 321 -8.29 -15.75 -2.28
CA LEU A 321 -8.60 -16.57 -3.45
C LEU A 321 -10.11 -16.60 -3.69
N ARG A 322 -10.89 -16.91 -2.66
CA ARG A 322 -12.34 -16.93 -2.77
C ARG A 322 -12.86 -15.64 -3.42
N GLN A 323 -12.46 -14.49 -2.88
CA GLN A 323 -12.90 -13.23 -3.43
C GLN A 323 -12.54 -13.11 -4.90
N LEU A 324 -11.45 -13.75 -5.29
CA LEU A 324 -11.03 -13.70 -6.68
C LEU A 324 -11.91 -14.64 -7.50
N CYS A 325 -12.07 -15.86 -7.01
CA CYS A 325 -12.90 -16.86 -7.66
C CYS A 325 -14.33 -16.32 -7.79
N SER A 326 -15.01 -16.19 -6.65
CA SER A 326 -16.38 -15.70 -6.63
C SER A 326 -16.46 -14.23 -7.05
N SER A 327 -16.32 -13.99 -8.35
CA SER A 327 -16.44 -12.65 -8.91
C SER A 327 -17.05 -12.71 -10.32
N ALA A 328 -17.61 -11.59 -10.75
CA ALA A 328 -18.10 -11.46 -12.11
C ALA A 328 -16.95 -11.00 -13.00
N GLU A 329 -16.40 -9.84 -12.68
CA GLU A 329 -15.29 -9.27 -13.43
C GLU A 329 -13.97 -9.97 -13.06
N VAL A 330 -13.95 -11.29 -13.23
CA VAL A 330 -12.79 -12.10 -12.87
C VAL A 330 -11.50 -11.65 -13.53
N ASP A 331 -10.42 -11.61 -12.74
CA ASP A 331 -9.11 -11.20 -13.23
C ASP A 331 -8.18 -12.40 -13.35
N MET A 332 -7.92 -12.79 -14.60
CA MET A 332 -7.11 -13.98 -14.90
C MET A 332 -5.67 -13.83 -14.36
N ILE A 333 -5.03 -12.71 -14.65
CA ILE A 333 -3.67 -12.45 -14.20
C ILE A 333 -3.56 -12.46 -12.67
N LYS A 334 -4.39 -11.66 -12.02
CA LYS A 334 -4.40 -11.58 -10.57
C LYS A 334 -4.87 -12.88 -9.92
N LEU A 335 -5.46 -13.77 -10.72
CA LEU A 335 -5.91 -15.05 -10.17
C LEU A 335 -4.78 -16.06 -10.23
N GLN A 336 -4.06 -16.06 -11.34
CA GLN A 336 -2.92 -16.94 -11.51
C GLN A 336 -1.81 -16.54 -10.54
N LEU A 337 -1.50 -15.24 -10.53
CA LEU A 337 -0.53 -14.69 -9.60
C LEU A 337 -0.75 -15.21 -8.19
N LYS A 338 -1.98 -15.08 -7.69
CA LYS A 338 -2.30 -15.55 -6.34
C LYS A 338 -2.28 -17.07 -6.21
N LEU A 339 -2.62 -17.76 -7.30
CA LEU A 339 -2.75 -19.22 -7.26
C LEU A 339 -1.40 -19.89 -7.45
N GLN A 340 -0.66 -19.40 -8.45
CA GLN A 340 0.71 -19.86 -8.66
C GLN A 340 1.52 -19.69 -7.37
N GLY A 341 1.44 -18.51 -6.78
CA GLY A 341 2.09 -18.23 -5.51
C GLY A 341 1.46 -19.01 -4.36
N SER A 342 0.45 -19.81 -4.69
CA SER A 342 -0.20 -20.67 -3.70
C SER A 342 0.27 -22.13 -3.79
N VAL A 343 0.39 -22.64 -5.01
CA VAL A 343 0.66 -24.07 -5.21
C VAL A 343 1.97 -24.36 -5.98
N SER A 344 2.34 -23.45 -6.88
CA SER A 344 3.56 -23.59 -7.66
C SER A 344 4.66 -22.71 -7.07
N VAL A 345 4.85 -22.84 -5.75
CA VAL A 345 5.80 -22.01 -5.01
C VAL A 345 7.27 -22.36 -5.31
N GLN A 346 8.01 -21.39 -5.83
CA GLN A 346 9.37 -21.63 -6.26
C GLN A 346 10.37 -21.07 -5.27
N VAL A 347 10.24 -19.77 -4.98
CA VAL A 347 11.22 -19.00 -4.21
C VAL A 347 11.09 -19.13 -2.67
N ASN A 348 9.89 -18.91 -2.14
CA ASN A 348 9.67 -18.98 -0.69
C ASN A 348 9.45 -20.40 -0.19
N ALA A 349 9.15 -20.52 1.11
CA ALA A 349 9.00 -21.82 1.76
C ALA A 349 7.89 -22.67 1.15
N GLY A 350 6.64 -22.29 1.42
CA GLY A 350 5.47 -23.00 0.93
C GLY A 350 4.51 -23.29 2.07
N PRO A 351 3.21 -23.10 1.84
CA PRO A 351 2.19 -23.30 2.88
C PRO A 351 2.34 -24.61 3.63
N LEU A 352 3.08 -25.55 3.04
CA LEU A 352 3.31 -26.85 3.66
C LEU A 352 4.19 -26.73 4.88
N ALA A 353 5.04 -25.71 4.88
CA ALA A 353 5.95 -25.47 5.98
C ALA A 353 5.18 -25.27 7.27
N TYR A 354 4.01 -24.67 7.16
CA TYR A 354 3.12 -24.52 8.32
C TYR A 354 2.63 -25.87 8.78
N ALA A 355 2.23 -26.72 7.84
CA ALA A 355 1.67 -28.02 8.18
C ALA A 355 2.73 -28.95 8.76
N ARG A 356 3.95 -28.85 8.23
CA ARG A 356 5.01 -29.74 8.68
C ARG A 356 5.47 -29.36 10.07
N ALA A 357 5.56 -28.06 10.33
CA ALA A 357 6.08 -27.59 11.61
C ALA A 357 4.98 -27.50 12.67
N PHE A 358 3.72 -27.52 12.24
CA PHE A 358 2.62 -27.35 13.18
C PHE A 358 1.61 -28.50 13.18
N LEU A 359 1.38 -29.12 12.02
CA LEU A 359 0.34 -30.14 11.90
C LEU A 359 0.86 -31.59 11.87
N ASP A 360 1.81 -31.90 12.74
CA ASP A 360 2.33 -33.25 12.86
C ASP A 360 1.96 -33.88 14.20
N ASP A 361 2.70 -34.91 14.59
CA ASP A 361 2.45 -35.63 15.83
C ASP A 361 3.70 -36.38 16.29
N PRO A 368 2.11 -28.18 21.18
CA PRO A 368 0.90 -28.09 20.34
C PRO A 368 -0.17 -27.18 20.95
N ASP A 369 -1.43 -27.38 20.55
CA ASP A 369 -2.58 -26.69 21.13
C ASP A 369 -3.88 -26.97 20.35
N ASN A 370 -4.91 -27.40 21.08
CA ASN A 370 -6.17 -27.80 20.45
C ASN A 370 -6.87 -26.71 19.64
N LYS A 371 -6.33 -25.50 19.67
CA LYS A 371 -6.85 -24.43 18.82
C LYS A 371 -6.53 -24.72 17.36
N VAL A 372 -5.69 -25.74 17.13
CA VAL A 372 -5.40 -26.24 15.78
C VAL A 372 -6.69 -26.56 15.00
N LYS A 373 -7.81 -26.66 15.71
CA LYS A 373 -9.10 -26.81 15.05
C LYS A 373 -9.31 -25.66 14.07
N LEU A 374 -8.43 -24.67 14.19
CA LEU A 374 -8.46 -23.51 13.33
C LEU A 374 -7.46 -23.73 12.20
N LEU A 375 -6.25 -24.11 12.57
CA LEU A 375 -5.17 -24.29 11.60
C LEU A 375 -5.52 -25.35 10.56
N LYS A 376 -6.16 -26.43 11.01
CA LYS A 376 -6.62 -27.47 10.09
C LYS A 376 -7.76 -26.95 9.24
N GLU A 377 -8.81 -26.46 9.89
CA GLU A 377 -9.97 -25.97 9.17
C GLU A 377 -9.52 -25.11 8.00
N VAL A 378 -8.56 -24.23 8.24
CA VAL A 378 -8.10 -23.30 7.21
C VAL A 378 -7.41 -24.03 6.07
N PHE A 379 -6.65 -25.07 6.41
CA PHE A 379 -6.03 -25.91 5.40
C PHE A 379 -7.08 -26.70 4.61
N ARG A 380 -8.18 -27.05 5.26
CA ARG A 380 -9.31 -27.65 4.54
C ARG A 380 -9.87 -26.64 3.55
N GLN A 381 -10.07 -25.41 4.02
CA GLN A 381 -10.61 -24.38 3.17
C GLN A 381 -9.60 -23.97 2.10
N PHE A 382 -8.31 -24.20 2.38
CA PHE A 382 -7.24 -23.78 1.48
C PHE A 382 -7.23 -24.59 0.18
N VAL A 383 -7.19 -25.92 0.33
CA VAL A 383 -7.27 -26.81 -0.81
C VAL A 383 -8.53 -26.55 -1.65
N GLU A 384 -9.68 -26.44 -0.98
CA GLU A 384 -10.95 -26.18 -1.65
C GLU A 384 -10.87 -24.92 -2.49
N ALA A 385 -10.02 -23.98 -2.05
CA ALA A 385 -9.85 -22.70 -2.72
C ALA A 385 -9.02 -22.82 -3.97
N CYS A 386 -7.89 -23.51 -3.85
CA CYS A 386 -7.01 -23.68 -4.99
C CYS A 386 -7.73 -24.50 -6.06
N GLY A 387 -8.47 -25.49 -5.62
CA GLY A 387 -9.28 -26.30 -6.51
C GLY A 387 -10.18 -25.42 -7.35
N GLN A 388 -11.03 -24.65 -6.67
CA GLN A 388 -11.94 -23.72 -7.32
C GLN A 388 -11.15 -22.76 -8.19
N ALA A 389 -9.93 -22.44 -7.77
CA ALA A 389 -9.05 -21.55 -8.52
C ALA A 389 -8.63 -22.21 -9.80
N LEU A 390 -8.11 -23.42 -9.68
CA LEU A 390 -7.75 -24.22 -10.86
C LEU A 390 -8.98 -24.26 -11.75
N ALA A 391 -10.08 -24.72 -11.17
CA ALA A 391 -11.34 -24.86 -11.89
C ALA A 391 -11.62 -23.61 -12.70
N VAL A 392 -11.64 -22.46 -12.03
CA VAL A 392 -11.91 -21.20 -12.69
C VAL A 392 -10.90 -20.95 -13.81
N ASN A 393 -9.63 -21.19 -13.52
CA ASN A 393 -8.59 -20.87 -14.48
C ASN A 393 -8.62 -21.80 -15.69
N GLU A 394 -9.02 -23.04 -15.45
CA GLU A 394 -9.22 -24.00 -16.53
C GLU A 394 -10.00 -23.36 -17.66
N ARG A 395 -10.89 -22.43 -17.31
CA ARG A 395 -11.79 -21.81 -18.27
C ARG A 395 -11.37 -20.42 -18.75
N LEU A 396 -10.08 -20.10 -18.59
CA LEU A 396 -9.61 -18.77 -18.98
C LEU A 396 -8.38 -18.80 -19.88
N ILE A 397 -7.64 -19.90 -19.83
CA ILE A 397 -6.37 -20.01 -20.55
C ILE A 397 -6.55 -20.10 -22.07
N LYS A 398 -5.91 -19.18 -22.79
CA LYS A 398 -5.94 -19.20 -24.24
C LYS A 398 -5.00 -20.26 -24.82
N GLU A 399 -5.01 -21.44 -24.20
CA GLU A 399 -4.26 -22.59 -24.69
C GLU A 399 -2.74 -22.41 -24.60
N ASP A 400 -2.25 -21.24 -25.00
CA ASP A 400 -0.82 -20.91 -24.95
C ASP A 400 -0.23 -21.21 -23.57
N GLN A 401 -1.08 -21.10 -22.55
CA GLN A 401 -0.73 -21.54 -21.22
C GLN A 401 -1.02 -23.03 -21.14
N LEU A 402 -2.25 -23.41 -20.79
CA LEU A 402 -2.69 -24.80 -20.83
C LEU A 402 -1.74 -25.78 -20.12
N GLU A 403 -0.51 -25.90 -20.62
CA GLU A 403 0.54 -26.66 -19.95
C GLU A 403 0.84 -26.06 -18.59
N TYR A 404 0.99 -24.73 -18.58
CA TYR A 404 1.19 -23.99 -17.35
C TYR A 404 0.11 -24.37 -16.32
N GLN A 405 -1.15 -24.35 -16.72
CA GLN A 405 -2.24 -24.76 -15.84
C GLN A 405 -2.12 -26.21 -15.36
N GLU A 406 -1.42 -27.03 -16.14
CA GLU A 406 -1.28 -28.44 -15.80
C GLU A 406 -0.29 -28.66 -14.67
N GLU A 407 0.87 -28.00 -14.78
CA GLU A 407 1.85 -28.03 -13.70
C GLU A 407 1.21 -27.56 -12.41
N MET A 408 0.57 -26.39 -12.47
CA MET A 408 -0.18 -25.90 -11.32
C MET A 408 -1.14 -26.98 -10.83
N LYS A 409 -2.00 -27.45 -11.72
CA LYS A 409 -2.95 -28.51 -11.40
C LYS A 409 -2.21 -29.72 -10.82
N ALA A 410 -1.05 -30.01 -11.39
CA ALA A 410 -0.19 -31.09 -10.90
C ALA A 410 0.35 -30.81 -9.49
N ASN A 411 0.80 -29.58 -9.25
CA ASN A 411 1.32 -29.19 -7.94
C ASN A 411 0.23 -29.19 -6.87
N TYR A 412 -0.94 -28.69 -7.23
CA TYR A 412 -2.09 -28.67 -6.34
C TYR A 412 -2.35 -30.07 -5.81
N ARG A 413 -2.57 -31.00 -6.73
CA ARG A 413 -2.84 -32.39 -6.41
C ARG A 413 -1.68 -32.99 -5.61
N GLU A 414 -0.45 -32.71 -6.04
CA GLU A 414 0.74 -33.23 -5.36
C GLU A 414 0.71 -32.86 -3.89
N MET A 415 0.73 -31.56 -3.61
CA MET A 415 0.70 -31.07 -2.23
C MET A 415 -0.56 -31.54 -1.52
N ALA A 416 -1.67 -31.58 -2.26
CA ALA A 416 -2.94 -32.06 -1.72
C ALA A 416 -2.74 -33.40 -1.03
N LYS A 417 -1.90 -34.24 -1.63
CA LYS A 417 -1.54 -35.53 -1.06
C LYS A 417 -0.73 -35.36 0.22
N GLU A 418 0.23 -34.43 0.19
CA GLU A 418 1.08 -34.15 1.35
C GLU A 418 0.27 -33.74 2.58
N LEU A 419 -0.67 -32.83 2.37
CA LEU A 419 -1.51 -32.35 3.47
C LEU A 419 -2.39 -33.49 3.98
N SER A 420 -3.14 -34.10 3.07
CA SER A 420 -3.91 -35.31 3.38
C SER A 420 -3.07 -36.30 4.17
N GLU A 421 -1.86 -36.53 3.68
CA GLU A 421 -0.89 -37.40 4.35
C GLU A 421 -0.75 -37.05 5.84
N ILE A 422 -0.26 -35.85 6.13
CA ILE A 422 0.04 -35.46 7.50
C ILE A 422 -1.19 -35.27 8.37
N MET A 423 -2.30 -34.88 7.76
CA MET A 423 -3.55 -34.65 8.48
C MET A 423 -4.42 -35.89 8.59
N HIS A 424 -4.01 -36.96 7.91
CA HIS A 424 -4.70 -38.24 7.95
C HIS A 424 -6.15 -38.14 7.45
N GLU A 425 -6.38 -37.29 6.46
CA GLU A 425 -7.70 -37.20 5.83
C GLU A 425 -7.62 -36.97 4.33
N GLN A 426 -8.76 -36.75 3.68
CA GLN A 426 -8.80 -36.59 2.23
C GLN A 426 -8.43 -35.16 1.77
N LEU A 427 -8.20 -35.01 0.47
CA LEU A 427 -7.98 -33.69 -0.13
C LEU A 427 -7.97 -33.77 -1.66
N SER B 1 -15.42 1.01 -16.61
CA SER B 1 -14.32 0.09 -16.87
C SER B 1 -13.63 -0.33 -15.57
N HIS B 2 -13.41 -1.64 -15.41
CA HIS B 2 -12.68 -2.15 -14.24
C HIS B 2 -11.17 -2.00 -14.46
N MET B 3 -10.41 -2.06 -13.36
CA MET B 3 -8.98 -1.77 -13.40
C MET B 3 -8.14 -2.79 -14.19
N GLN B 4 -7.16 -2.31 -14.93
CA GLN B 4 -6.31 -3.15 -15.76
C GLN B 4 -5.19 -3.83 -14.97
N THR B 5 -4.87 -5.08 -15.30
CA THR B 5 -3.94 -5.89 -14.49
C THR B 5 -2.67 -6.36 -15.20
N ILE B 6 -1.64 -5.53 -15.12
CA ILE B 6 -0.41 -5.76 -15.86
C ILE B 6 0.48 -6.88 -15.29
N LYS B 7 0.51 -8.02 -15.96
CA LYS B 7 1.40 -9.10 -15.56
C LYS B 7 2.88 -8.73 -15.78
N CYS B 8 3.64 -8.63 -14.69
CA CYS B 8 5.07 -8.34 -14.79
C CYS B 8 5.91 -9.47 -14.23
N VAL B 9 6.98 -9.81 -14.94
CA VAL B 9 7.79 -10.94 -14.53
C VAL B 9 9.21 -10.56 -14.24
N VAL B 10 9.69 -11.05 -13.12
CA VAL B 10 11.00 -10.69 -12.64
C VAL B 10 11.94 -11.87 -12.84
N VAL B 11 13.07 -11.60 -13.50
CA VAL B 11 14.10 -12.60 -13.75
C VAL B 11 15.49 -12.02 -13.57
N GLY B 12 16.43 -12.90 -13.21
CA GLY B 12 17.78 -12.50 -12.87
C GLY B 12 18.37 -13.53 -11.93
N ASP B 13 19.69 -13.49 -11.75
CA ASP B 13 20.41 -14.44 -10.91
C ASP B 13 19.88 -14.49 -9.48
N GLY B 14 19.98 -15.65 -8.86
CA GLY B 14 19.70 -15.77 -7.45
C GLY B 14 20.63 -14.84 -6.68
N ALA B 15 20.13 -14.30 -5.57
CA ALA B 15 20.93 -13.46 -4.68
C ALA B 15 21.24 -12.06 -5.20
N VAL B 16 20.54 -11.61 -6.24
CA VAL B 16 20.72 -10.22 -6.70
C VAL B 16 19.79 -9.27 -5.96
N GLY B 17 18.82 -9.81 -5.23
CA GLY B 17 17.89 -9.01 -4.45
C GLY B 17 16.53 -8.87 -5.10
N LYS B 18 16.13 -9.91 -5.83
CA LYS B 18 14.87 -9.88 -6.55
C LYS B 18 13.69 -9.86 -5.59
N THR B 19 13.62 -10.89 -4.76
CA THR B 19 12.50 -11.01 -3.86
C THR B 19 12.50 -9.81 -2.90
N CYS B 20 13.69 -9.34 -2.53
CA CYS B 20 13.75 -8.28 -1.54
C CYS B 20 13.05 -7.01 -2.03
N LEU B 21 13.32 -6.61 -3.26
CA LEU B 21 12.71 -5.41 -3.76
C LEU B 21 11.20 -5.57 -3.97
N LEU B 22 10.78 -6.74 -4.47
CA LEU B 22 9.36 -7.01 -4.67
C LEU B 22 8.56 -6.87 -3.38
N ILE B 23 8.98 -7.58 -2.33
CA ILE B 23 8.30 -7.52 -1.06
C ILE B 23 8.36 -6.10 -0.50
N SER B 24 9.53 -5.49 -0.61
CA SER B 24 9.73 -4.15 -0.06
C SER B 24 8.75 -3.14 -0.64
N TYR B 25 8.75 -3.02 -1.96
CA TYR B 25 7.87 -2.07 -2.61
C TYR B 25 6.40 -2.36 -2.30
N THR B 26 6.00 -3.64 -2.37
CA THR B 26 4.59 -3.99 -2.34
C THR B 26 3.97 -3.98 -0.96
N THR B 27 4.79 -4.15 0.07
CA THR B 27 4.28 -4.12 1.44
C THR B 27 4.56 -2.77 2.10
N ASN B 28 5.19 -1.87 1.36
CA ASN B 28 5.57 -0.57 1.92
C ASN B 28 6.39 -0.76 3.18
N LYS B 29 7.34 -1.70 3.13
CA LYS B 29 8.17 -1.96 4.29
C LYS B 29 9.63 -1.87 3.91
N PHE B 30 10.46 -1.57 4.90
CA PHE B 30 11.90 -1.72 4.72
C PHE B 30 12.23 -3.19 4.86
N PRO B 31 13.32 -3.63 4.23
CA PRO B 31 13.74 -5.04 4.26
C PRO B 31 13.71 -5.62 5.67
N SER B 32 14.19 -4.85 6.63
CA SER B 32 14.40 -5.36 7.99
C SER B 32 13.10 -5.74 8.71
N GLU B 33 11.96 -5.21 8.28
CA GLU B 33 10.70 -5.59 8.95
C GLU B 33 9.65 -6.26 8.07
N TYR B 34 10.09 -7.05 7.09
CA TYR B 34 9.17 -7.93 6.40
C TYR B 34 8.64 -8.93 7.41
N VAL B 35 7.32 -9.03 7.50
CA VAL B 35 6.78 -10.24 8.09
C VAL B 35 6.96 -11.33 7.04
N PRO B 36 7.82 -12.32 7.33
CA PRO B 36 8.04 -13.40 6.37
C PRO B 36 6.73 -14.04 5.88
N THR B 37 6.72 -14.43 4.61
CA THR B 37 5.57 -15.09 4.01
C THR B 37 5.96 -16.43 3.39
N VAL B 38 5.06 -17.40 3.47
CA VAL B 38 5.31 -18.67 2.80
C VAL B 38 4.91 -18.63 1.32
N PHE B 39 4.17 -17.60 0.92
CA PHE B 39 3.68 -17.49 -0.45
C PHE B 39 4.56 -16.63 -1.39
N ASP B 40 4.50 -16.93 -2.69
CA ASP B 40 5.22 -16.18 -3.71
C ASP B 40 4.34 -15.14 -4.37
N ASN B 41 4.95 -14.29 -5.18
CA ASN B 41 4.27 -13.32 -6.02
C ASN B 41 3.65 -12.17 -5.26
N TYR B 42 3.47 -11.06 -5.95
CA TYR B 42 3.07 -9.82 -5.30
C TYR B 42 2.16 -8.97 -6.18
N ALA B 43 1.20 -8.32 -5.54
CA ALA B 43 0.31 -7.42 -6.25
C ALA B 43 0.42 -6.05 -5.62
N VAL B 44 0.49 -5.03 -6.47
CA VAL B 44 0.58 -3.66 -5.99
C VAL B 44 -0.19 -2.73 -6.92
N THR B 45 -0.89 -1.76 -6.34
CA THR B 45 -1.54 -0.74 -7.15
C THR B 45 -0.63 0.47 -7.29
N VAL B 46 -0.38 0.91 -8.51
CA VAL B 46 0.46 2.06 -8.75
C VAL B 46 -0.27 3.15 -9.50
N MET B 47 0.05 4.39 -9.16
CA MET B 47 -0.56 5.56 -9.77
C MET B 47 0.30 6.14 -10.88
N ILE B 48 -0.17 5.99 -12.10
CA ILE B 48 0.55 6.45 -13.28
C ILE B 48 -0.28 7.49 -14.04
N GLY B 49 0.05 8.76 -13.84
CA GLY B 49 -0.69 9.85 -14.46
C GLY B 49 -2.20 9.64 -14.34
N GLY B 50 -2.75 9.99 -13.18
CA GLY B 50 -4.18 9.95 -12.96
C GLY B 50 -4.76 8.57 -12.68
N GLU B 51 -4.29 7.59 -13.45
CA GLU B 51 -4.87 6.25 -13.38
C GLU B 51 -4.20 5.35 -12.36
N PRO B 52 -5.01 4.52 -11.68
CA PRO B 52 -4.56 3.42 -10.84
C PRO B 52 -4.34 2.16 -11.67
N TYR B 53 -3.20 1.51 -11.52
CA TYR B 53 -2.98 0.22 -12.18
C TYR B 53 -2.68 -0.84 -11.14
N THR B 54 -3.24 -2.03 -11.33
CA THR B 54 -2.84 -3.15 -10.49
C THR B 54 -1.71 -3.92 -11.17
N LEU B 55 -0.53 -3.85 -10.55
CA LEU B 55 0.66 -4.48 -11.09
C LEU B 55 0.80 -5.87 -10.50
N GLY B 56 0.95 -6.87 -11.36
CA GLY B 56 1.11 -8.24 -10.92
C GLY B 56 2.56 -8.68 -11.06
N LEU B 57 3.21 -8.91 -9.93
CA LEU B 57 4.65 -9.20 -9.90
C LEU B 57 4.95 -10.68 -9.70
N PHE B 58 5.42 -11.32 -10.77
CA PHE B 58 5.75 -12.74 -10.72
C PHE B 58 7.22 -12.93 -10.41
N ASP B 59 7.49 -13.59 -9.29
CA ASP B 59 8.85 -13.84 -8.81
C ASP B 59 9.35 -15.17 -9.34
N THR B 60 10.52 -15.18 -9.97
CA THR B 60 11.10 -16.41 -10.48
C THR B 60 12.32 -16.86 -9.67
N ALA B 61 12.50 -18.17 -9.54
CA ALA B 61 13.74 -18.73 -9.03
C ALA B 61 14.82 -18.56 -10.10
N GLY B 62 15.99 -18.08 -9.71
CA GLY B 62 17.06 -17.83 -10.67
C GLY B 62 18.04 -18.96 -10.88
N GLN B 63 17.86 -20.08 -10.18
CA GLN B 63 18.82 -21.19 -10.25
C GLN B 63 18.55 -22.12 -11.43
N GLU B 64 19.57 -22.87 -11.82
CA GLU B 64 19.48 -23.80 -12.94
C GLU B 64 18.50 -24.93 -12.69
N ASP B 65 18.32 -25.29 -11.43
CA ASP B 65 17.47 -26.40 -11.07
C ASP B 65 16.03 -26.11 -11.45
N TYR B 66 15.81 -24.91 -11.98
CA TYR B 66 14.48 -24.43 -12.27
C TYR B 66 14.40 -23.87 -13.69
N ASP B 67 15.45 -24.10 -14.47
CA ASP B 67 15.48 -23.67 -15.86
C ASP B 67 14.27 -24.17 -16.66
N ARG B 68 13.84 -25.40 -16.37
CA ARG B 68 12.81 -26.05 -17.17
C ARG B 68 11.41 -25.53 -16.88
N LEU B 69 11.16 -25.15 -15.63
CA LEU B 69 9.81 -24.76 -15.20
C LEU B 69 9.61 -23.24 -15.20
N ARG B 70 10.69 -22.52 -15.01
CA ARG B 70 10.64 -21.06 -14.98
C ARG B 70 9.75 -20.48 -16.08
N PRO B 71 9.99 -20.89 -17.33
CA PRO B 71 9.30 -20.25 -18.46
C PRO B 71 7.80 -20.56 -18.53
N LEU B 72 7.30 -21.45 -17.68
CA LEU B 72 5.88 -21.75 -17.68
C LEU B 72 5.04 -20.49 -17.44
N SER B 73 5.63 -19.52 -16.74
CA SER B 73 4.89 -18.31 -16.38
C SER B 73 5.18 -17.17 -17.37
N TYR B 74 5.91 -17.49 -18.43
CA TYR B 74 6.26 -16.51 -19.45
C TYR B 74 5.12 -16.17 -20.44
N PRO B 75 4.23 -17.14 -20.72
CA PRO B 75 3.07 -16.75 -21.52
C PRO B 75 2.26 -15.68 -20.81
N GLN B 76 1.87 -14.64 -21.54
CA GLN B 76 0.95 -13.60 -21.03
C GLN B 76 1.68 -12.40 -20.45
N THR B 77 2.99 -12.51 -20.29
CA THR B 77 3.75 -11.41 -19.75
C THR B 77 3.58 -10.17 -20.61
N ASP B 78 3.44 -9.02 -19.96
CA ASP B 78 3.29 -7.75 -20.66
C ASP B 78 4.59 -6.96 -20.59
N VAL B 79 5.43 -7.31 -19.63
CA VAL B 79 6.75 -6.69 -19.51
C VAL B 79 7.66 -7.51 -18.61
N PHE B 80 8.97 -7.41 -18.84
CA PHE B 80 9.93 -8.22 -18.07
C PHE B 80 10.87 -7.33 -17.30
N LEU B 81 11.19 -7.75 -16.07
CA LEU B 81 12.17 -7.05 -15.27
C LEU B 81 13.41 -7.92 -15.12
N VAL B 82 14.48 -7.56 -15.82
CA VAL B 82 15.69 -8.35 -15.78
C VAL B 82 16.70 -7.77 -14.80
N CYS B 83 16.89 -8.48 -13.70
CA CYS B 83 17.64 -7.93 -12.58
C CYS B 83 19.07 -8.45 -12.51
N PHE B 84 19.95 -7.58 -12.04
CA PHE B 84 21.34 -7.95 -11.78
C PHE B 84 21.84 -7.02 -10.68
N SER B 85 22.81 -7.48 -9.90
CA SER B 85 23.35 -6.66 -8.83
C SER B 85 24.52 -5.83 -9.35
N VAL B 86 24.49 -4.54 -9.06
CA VAL B 86 25.53 -3.64 -9.55
C VAL B 86 26.84 -3.91 -8.82
N VAL B 87 26.80 -4.80 -7.84
CA VAL B 87 28.00 -5.20 -7.13
C VAL B 87 28.30 -6.68 -7.34
N SER B 88 27.53 -7.32 -8.22
CA SER B 88 27.84 -8.69 -8.62
C SER B 88 28.09 -8.80 -10.11
N PRO B 89 29.37 -8.82 -10.49
CA PRO B 89 29.77 -8.74 -11.90
C PRO B 89 29.20 -9.89 -12.69
N SER B 90 29.19 -11.08 -12.09
CA SER B 90 28.56 -12.24 -12.73
C SER B 90 27.08 -12.00 -13.03
N SER B 91 26.37 -11.40 -12.08
CA SER B 91 24.98 -10.98 -12.29
C SER B 91 24.83 -10.29 -13.62
N PHE B 92 25.67 -9.30 -13.82
CA PHE B 92 25.65 -8.50 -15.04
C PHE B 92 25.91 -9.36 -16.27
N GLU B 93 26.83 -10.31 -16.14
CA GLU B 93 27.21 -11.16 -17.26
C GLU B 93 26.06 -12.07 -17.67
N ASN B 94 25.37 -12.63 -16.69
CA ASN B 94 24.21 -13.48 -16.99
C ASN B 94 23.14 -12.72 -17.76
N VAL B 95 23.04 -11.42 -17.51
CA VAL B 95 22.04 -10.63 -18.20
C VAL B 95 22.17 -10.89 -19.69
N LYS B 96 23.39 -10.70 -20.20
CA LYS B 96 23.68 -10.85 -21.63
C LYS B 96 23.74 -12.31 -22.07
N GLU B 97 24.27 -13.17 -21.21
CA GLU B 97 24.48 -14.56 -21.57
C GLU B 97 23.22 -15.42 -21.40
N LYS B 98 22.63 -15.41 -20.22
CA LYS B 98 21.50 -16.29 -19.94
C LYS B 98 20.13 -15.61 -20.01
N TRP B 99 20.03 -14.43 -19.42
CA TRP B 99 18.73 -13.82 -19.13
C TRP B 99 17.93 -13.23 -20.31
N VAL B 100 18.39 -12.11 -20.86
CA VAL B 100 17.69 -11.52 -21.99
C VAL B 100 17.57 -12.48 -23.18
N PRO B 101 18.54 -13.40 -23.34
CA PRO B 101 18.36 -14.45 -24.36
C PRO B 101 17.24 -15.42 -23.98
N GLU B 102 17.20 -15.82 -22.71
CA GLU B 102 16.17 -16.77 -22.30
C GLU B 102 14.79 -16.22 -22.60
N ILE B 103 14.56 -14.95 -22.31
CA ILE B 103 13.23 -14.38 -22.47
C ILE B 103 12.93 -14.00 -23.92
N THR B 104 13.89 -13.38 -24.59
CA THR B 104 13.66 -12.91 -25.96
C THR B 104 13.12 -14.04 -26.82
N HIS B 105 13.54 -15.26 -26.50
CA HIS B 105 13.07 -16.45 -27.19
C HIS B 105 11.54 -16.60 -27.12
N HIS B 106 11.01 -16.91 -25.95
CA HIS B 106 9.57 -17.17 -25.79
C HIS B 106 8.69 -15.95 -26.12
N CYS B 107 9.05 -14.80 -25.56
CA CYS B 107 8.27 -13.60 -25.77
C CYS B 107 9.12 -12.62 -26.56
N PRO B 108 9.09 -12.79 -27.89
CA PRO B 108 10.00 -12.10 -28.81
C PRO B 108 9.76 -10.60 -28.83
N LYS B 109 8.50 -10.18 -28.83
CA LYS B 109 8.20 -8.76 -28.95
C LYS B 109 7.95 -8.10 -27.59
N THR B 110 7.74 -8.91 -26.57
CA THR B 110 7.55 -8.43 -25.22
C THR B 110 8.69 -7.52 -24.74
N PRO B 111 8.35 -6.34 -24.19
CA PRO B 111 9.37 -5.38 -23.76
C PRO B 111 9.97 -5.77 -22.41
N PHE B 112 11.24 -5.48 -22.23
CA PHE B 112 11.88 -5.76 -20.96
C PHE B 112 12.68 -4.54 -20.53
N LEU B 113 12.97 -4.44 -19.23
CA LEU B 113 13.83 -3.41 -18.73
C LEU B 113 15.07 -4.01 -18.08
N LEU B 114 16.13 -3.23 -18.01
CA LEU B 114 17.32 -3.64 -17.30
C LEU B 114 17.32 -3.06 -15.88
N VAL B 115 17.14 -3.94 -14.89
CA VAL B 115 17.07 -3.51 -13.49
C VAL B 115 18.34 -3.87 -12.74
N GLY B 116 19.03 -2.85 -12.23
CA GLY B 116 20.22 -3.06 -11.45
C GLY B 116 19.96 -2.79 -9.99
N THR B 117 20.37 -3.72 -9.12
CA THR B 117 19.96 -3.67 -7.72
C THR B 117 21.11 -3.37 -6.73
N GLN B 118 20.75 -3.27 -5.46
CA GLN B 118 21.72 -3.12 -4.36
C GLN B 118 22.70 -1.97 -4.53
N ILE B 119 22.26 -0.90 -5.17
CA ILE B 119 23.16 0.20 -5.51
C ILE B 119 23.70 0.92 -4.28
N ASP B 120 23.12 0.67 -3.12
CA ASP B 120 23.62 1.28 -1.88
C ASP B 120 24.92 0.60 -1.45
N LEU B 121 25.18 -0.58 -2.02
CA LEU B 121 26.38 -1.32 -1.70
C LEU B 121 27.59 -0.67 -2.38
N ARG B 122 27.32 0.23 -3.33
CA ARG B 122 28.41 0.97 -3.95
C ARG B 122 29.21 1.79 -2.93
N ASP B 123 28.53 2.21 -1.86
CA ASP B 123 29.17 2.99 -0.81
C ASP B 123 29.53 2.13 0.39
N ASP B 124 29.91 0.87 0.13
CA ASP B 124 30.26 -0.05 1.21
C ASP B 124 31.71 -0.51 1.10
N PRO B 125 32.51 -0.24 2.15
CA PRO B 125 33.92 -0.61 2.20
C PRO B 125 34.11 -2.10 1.97
N SER B 126 33.43 -2.92 2.79
CA SER B 126 33.53 -4.37 2.71
C SER B 126 33.35 -4.89 1.29
N THR B 127 32.26 -4.43 0.66
CA THR B 127 31.89 -4.88 -0.68
C THR B 127 32.90 -4.40 -1.70
N ILE B 128 33.22 -3.11 -1.66
CA ILE B 128 34.23 -2.52 -2.52
C ILE B 128 35.57 -3.26 -2.43
N GLU B 129 36.01 -3.51 -1.21
CA GLU B 129 37.24 -4.27 -1.00
C GLU B 129 37.13 -5.65 -1.63
N LYS B 130 35.98 -6.29 -1.46
CA LYS B 130 35.75 -7.61 -2.05
C LYS B 130 35.92 -7.56 -3.57
N LEU B 131 35.42 -6.50 -4.17
CA LEU B 131 35.52 -6.32 -5.62
C LEU B 131 36.96 -6.11 -6.06
N ALA B 132 37.64 -5.20 -5.37
CA ALA B 132 39.04 -4.88 -5.68
C ALA B 132 39.90 -6.15 -5.71
N LYS B 133 39.73 -7.00 -4.69
CA LYS B 133 40.51 -8.24 -4.57
C LYS B 133 40.33 -9.22 -5.74
N ASN B 134 39.41 -8.91 -6.65
CA ASN B 134 39.22 -9.72 -7.84
C ASN B 134 39.42 -8.81 -9.05
N LYS B 135 39.86 -7.59 -8.77
CA LYS B 135 40.13 -6.59 -9.80
C LYS B 135 38.82 -6.18 -10.47
N GLN B 136 37.93 -5.61 -9.66
CA GLN B 136 36.59 -5.25 -10.11
C GLN B 136 36.05 -4.00 -9.44
N LYS B 137 35.23 -3.28 -10.19
CA LYS B 137 34.48 -2.15 -9.66
C LYS B 137 32.99 -2.42 -9.90
N PRO B 138 32.11 -1.87 -9.05
CA PRO B 138 30.68 -2.07 -9.26
C PRO B 138 30.29 -1.56 -10.62
N ILE B 139 29.30 -2.19 -11.25
CA ILE B 139 28.78 -1.66 -12.50
C ILE B 139 28.34 -0.22 -12.26
N THR B 140 28.67 0.65 -13.20
CA THR B 140 28.27 2.05 -13.11
C THR B 140 27.05 2.26 -14.00
N PRO B 141 26.27 3.31 -13.72
CA PRO B 141 25.08 3.58 -14.54
C PRO B 141 25.39 3.46 -16.03
N GLU B 142 26.28 4.31 -16.53
CA GLU B 142 26.50 4.43 -17.97
C GLU B 142 26.81 3.09 -18.63
N THR B 143 27.77 2.36 -18.07
CA THR B 143 28.08 1.04 -18.59
C THR B 143 26.80 0.21 -18.73
N ALA B 144 25.88 0.40 -17.79
CA ALA B 144 24.61 -0.33 -17.81
C ALA B 144 23.63 0.26 -18.83
N GLU B 145 23.76 1.55 -19.12
CA GLU B 145 23.05 2.14 -20.25
C GLU B 145 23.43 1.40 -21.52
N LYS B 146 24.75 1.27 -21.73
CA LYS B 146 25.28 0.60 -22.92
C LYS B 146 24.62 -0.76 -23.08
N LEU B 147 24.86 -1.65 -22.12
CA LEU B 147 24.29 -2.98 -22.17
C LEU B 147 22.84 -2.89 -22.61
N ALA B 148 22.09 -2.05 -21.91
CA ALA B 148 20.65 -1.86 -22.14
C ALA B 148 20.27 -1.70 -23.62
N ARG B 149 20.77 -0.64 -24.26
CA ARG B 149 20.42 -0.38 -25.66
C ARG B 149 20.96 -1.48 -26.57
N ASP B 150 22.19 -1.92 -26.30
CA ASP B 150 22.76 -3.01 -27.06
C ASP B 150 21.79 -4.18 -27.11
N LEU B 151 21.42 -4.66 -25.93
CA LEU B 151 20.49 -5.77 -25.84
C LEU B 151 19.06 -5.33 -26.10
N LYS B 152 18.89 -4.03 -26.33
CA LYS B 152 17.60 -3.50 -26.76
C LYS B 152 16.52 -3.54 -25.67
N ALA B 153 16.91 -3.13 -24.45
CA ALA B 153 15.96 -2.97 -23.36
C ALA B 153 15.27 -1.64 -23.56
N VAL B 154 14.08 -1.48 -22.98
CA VAL B 154 13.40 -0.20 -23.08
C VAL B 154 14.25 0.88 -22.47
N LYS B 155 14.74 0.59 -21.27
CA LYS B 155 15.78 1.40 -20.64
C LYS B 155 16.39 0.64 -19.47
N TYR B 156 17.24 1.34 -18.72
CA TYR B 156 17.86 0.75 -17.54
C TYR B 156 17.49 1.58 -16.32
N VAL B 157 17.22 0.89 -15.22
CA VAL B 157 16.88 1.55 -13.97
C VAL B 157 17.59 0.85 -12.84
N GLU B 158 17.86 1.58 -11.77
CA GLU B 158 18.52 1.01 -10.61
C GLU B 158 17.93 1.51 -9.30
N CYS B 159 18.05 0.70 -8.26
CA CYS B 159 17.42 0.99 -6.99
C CYS B 159 18.13 0.25 -5.86
N SER B 160 17.90 0.70 -4.64
CA SER B 160 18.20 -0.08 -3.46
C SER B 160 16.90 -0.37 -2.71
N ALA B 161 16.62 -1.64 -2.49
CA ALA B 161 15.58 -2.06 -1.58
C ALA B 161 15.84 -1.49 -0.18
N LEU B 162 17.11 -1.47 0.21
CA LEU B 162 17.50 -1.06 1.56
C LEU B 162 17.28 0.43 1.83
N THR B 163 17.69 1.28 0.90
CA THR B 163 17.50 2.72 1.09
C THR B 163 16.31 3.21 0.28
N GLN B 164 15.71 2.28 -0.47
CA GLN B 164 14.51 2.54 -1.25
C GLN B 164 14.63 3.67 -2.24
N LYS B 165 15.88 4.07 -2.51
CA LYS B 165 16.14 5.04 -3.56
C LYS B 165 15.98 4.33 -4.90
N GLY B 166 15.23 4.94 -5.81
CA GLY B 166 15.02 4.39 -7.14
C GLY B 166 13.88 3.39 -7.20
N LEU B 167 13.38 3.01 -6.02
CA LEU B 167 12.41 1.92 -5.93
C LEU B 167 11.11 2.24 -6.68
N LYS B 168 10.57 3.44 -6.42
CA LYS B 168 9.34 3.88 -7.06
C LYS B 168 9.52 3.96 -8.57
N ASN B 169 10.58 4.64 -8.98
CA ASN B 169 10.87 4.79 -10.40
C ASN B 169 10.85 3.45 -11.12
N VAL B 170 11.53 2.47 -10.54
CA VAL B 170 11.60 1.16 -11.18
C VAL B 170 10.23 0.64 -11.61
N PHE B 171 9.28 0.58 -10.68
CA PHE B 171 7.98 0.01 -11.00
C PHE B 171 7.10 0.95 -11.84
N ASP B 172 7.41 2.25 -11.82
CA ASP B 172 6.77 3.19 -12.72
C ASP B 172 7.13 2.83 -14.15
N GLU B 173 8.42 2.95 -14.47
CA GLU B 173 8.94 2.67 -15.80
C GLU B 173 8.47 1.30 -16.26
N ALA B 174 8.43 0.37 -15.31
CA ALA B 174 7.91 -0.95 -15.57
C ALA B 174 6.52 -0.90 -16.19
N ILE B 175 5.66 -0.03 -15.64
CA ILE B 175 4.28 0.09 -16.11
C ILE B 175 4.22 0.83 -17.44
N LEU B 176 5.03 1.88 -17.55
CA LEU B 176 5.16 2.62 -18.80
C LEU B 176 5.53 1.70 -19.96
N ALA B 177 6.56 0.89 -19.77
CA ALA B 177 7.01 -0.02 -20.82
C ALA B 177 5.98 -1.09 -21.18
N ALA B 178 5.21 -1.53 -20.18
CA ALA B 178 4.21 -2.55 -20.42
C ALA B 178 3.05 -1.96 -21.21
N LEU B 179 2.96 -0.64 -21.22
CA LEU B 179 1.88 0.03 -21.90
C LEU B 179 2.28 0.41 -23.32
#